data_9LYF
#
_entry.id   9LYF
#
_cell.length_a   53.007
_cell.length_b   60.881
_cell.length_c   102.507
_cell.angle_alpha   90.00
_cell.angle_beta   90.00
_cell.angle_gamma   90.00
#
_symmetry.space_group_name_H-M   'P 21 21 21'
#
loop_
_entity.id
_entity.type
_entity.pdbx_description
1 polymer 'Ubiquitin carboxyl-terminal hydrolase 30'
2 non-polymer 5-(3-cyanophenyl)-~{N}-[[(3~{S})-1-(iminomethyl)pyrrolidin-3-yl]methyl]-1,3,4-oxadiazole-2-carboxamide
3 non-polymer 'ZINC ION'
4 water water
#
_entity_poly.entity_id   1
_entity_poly.type   'polypeptide(L)'
_entity_poly.pdbx_seq_one_letter_code
;GPKGLVPGLVNLGNTCFMNSLLQGLSACPAFIRWLEEFTSQYSRDQKEPPSHQYLSLTLLHLLKALSCQEVTDDEVLDAS
CLLDVLRMYRWQISSFEEQDAHELFHVITSSLEDERDGSGSHWKSQHPFHGRLTSNMVCKHCEHQSPVRFDTFDSLSLSI
PAATWGHPLTLDHCLHHFISSESVRDVVCDNCTKIEAKGTLNGEKVEHQRTTFVKQLKLGKLPQCLCIHLQRLSWSSHGT
PLKRHEHVQFNEDLSMDEYKYHSNASTYLFRLMAVVVHHGDMHSGHFVTYRRSPPSARNPLSTSNQWLWVSDDTVRKASL
QEVLSSSAYLLFYERV
;
_entity_poly.pdbx_strand_id   A
#
loop_
_chem_comp.id
_chem_comp.type
_chem_comp.name
_chem_comp.formula
A1L7W non-polymer 5-(3-cyanophenyl)-~{N}-[[(3~{S})-1-(iminomethyl)pyrrolidin-3-yl]methyl]-1,3,4-oxadiazole-2-carboxamide 'C16 H16 N6 O2'
ZN non-polymer 'ZINC ION' 'Zn 2'
#
# COMPACT_ATOMS: atom_id res chain seq x y z
N LYS A 3 -26.15 -14.17 -7.49
CA LYS A 3 -25.43 -12.95 -7.82
C LYS A 3 -24.49 -12.54 -6.66
N GLY A 4 -23.38 -13.24 -6.52
CA GLY A 4 -22.43 -12.95 -5.46
C GLY A 4 -21.52 -11.78 -5.78
N LEU A 5 -22.04 -10.57 -5.62
CA LEU A 5 -21.33 -9.33 -5.91
C LEU A 5 -21.27 -8.45 -4.68
N VAL A 6 -20.39 -7.46 -4.72
CA VAL A 6 -20.25 -6.48 -3.64
C VAL A 6 -21.01 -5.23 -4.03
N PRO A 7 -21.41 -4.39 -3.05
CA PRO A 7 -22.01 -3.09 -3.39
C PRO A 7 -21.02 -2.18 -4.11
N GLY A 8 -21.56 -1.29 -4.94
CA GLY A 8 -20.75 -0.30 -5.61
C GLY A 8 -20.59 0.96 -4.78
N LEU A 9 -19.92 1.93 -5.37
CA LEU A 9 -19.68 3.21 -4.72
C LEU A 9 -19.91 4.32 -5.72
N VAL A 10 -20.64 5.36 -5.32
CA VAL A 10 -20.89 6.50 -6.19
C VAL A 10 -19.60 7.29 -6.40
N ASN A 11 -19.46 7.84 -7.59
CA ASN A 11 -18.34 8.73 -7.91
C ASN A 11 -18.90 9.94 -8.63
N LEU A 12 -19.03 11.06 -7.91
CA LEU A 12 -19.56 12.28 -8.52
C LEU A 12 -18.63 12.80 -9.61
N GLY A 13 -17.34 12.53 -9.50
CA GLY A 13 -16.38 12.92 -10.50
C GLY A 13 -14.94 12.79 -10.07
N ASN A 14 -14.62 13.04 -8.80
CA ASN A 14 -13.21 12.98 -8.44
C ASN A 14 -12.95 12.19 -7.16
N THR A 15 -13.84 11.26 -6.80
CA THR A 15 -13.64 10.43 -5.63
C THR A 15 -13.50 8.94 -6.01
N CYS A 16 -12.53 8.62 -7.02
CA CYS A 16 -12.16 7.30 -7.46
C CYS A 16 -11.05 6.73 -6.62
N PHE A 17 -10.19 7.78 -6.19
CA PHE A 17 -8.99 7.47 -5.41
C PHE A 17 -9.42 6.91 -4.07
N MET A 18 -10.61 7.32 -3.63
CA MET A 18 -11.12 6.80 -2.37
C MET A 18 -11.96 5.55 -2.57
N ASN A 19 -12.81 5.51 -3.60
CA ASN A 19 -13.58 4.30 -3.86
C ASN A 19 -12.68 3.11 -4.15
N SER A 20 -11.56 3.34 -4.84
CA SER A 20 -10.66 2.23 -5.13
C SER A 20 -9.98 1.71 -3.87
N LEU A 21 -9.51 2.63 -3.02
CA LEU A 21 -8.91 2.22 -1.75
C LEU A 21 -9.92 1.54 -0.84
N LEU A 22 -11.15 2.07 -0.76
CA LEU A 22 -12.13 1.49 0.14
C LEU A 22 -12.48 0.06 -0.27
N GLN A 23 -12.64 -0.17 -1.58
CA GLN A 23 -12.93 -1.50 -2.09
C GLN A 23 -11.82 -2.48 -1.76
N GLY A 24 -10.57 -2.05 -1.85
CA GLY A 24 -9.43 -2.87 -1.46
C GLY A 24 -9.30 -3.08 0.03
N LEU A 25 -9.59 -2.06 0.84
CA LEU A 25 -9.49 -2.23 2.29
C LEU A 25 -10.57 -3.16 2.82
N SER A 26 -11.72 -3.23 2.14
CA SER A 26 -12.78 -4.15 2.55
C SER A 26 -12.46 -5.60 2.25
N ALA A 27 -11.38 -5.85 1.51
CA ALA A 27 -10.96 -7.21 1.19
C ALA A 27 -10.02 -7.82 2.23
N CYS A 28 -9.54 -7.04 3.20
CA CYS A 28 -8.65 -7.53 4.24
C CYS A 28 -9.46 -7.75 5.51
N PRO A 29 -9.86 -8.99 5.84
CA PRO A 29 -10.79 -9.16 6.96
C PRO A 29 -10.25 -8.74 8.31
N ALA A 30 -8.91 -8.76 8.51
CA ALA A 30 -8.28 -8.42 9.79
C ALA A 30 -8.31 -6.94 10.05
N PHE A 31 -8.23 -6.11 9.02
CA PHE A 31 -8.40 -4.68 9.24
C PHE A 31 -9.80 -4.38 9.75
N ILE A 32 -10.79 -5.00 9.14
CA ILE A 32 -12.17 -4.80 9.57
C ILE A 32 -12.36 -5.31 10.99
N ARG A 33 -11.79 -6.47 11.31
CA ARG A 33 -11.88 -7.01 12.67
C ARG A 33 -11.18 -6.12 13.68
N TRP A 34 -10.05 -5.52 13.30
CA TRP A 34 -9.38 -4.59 14.20
C TRP A 34 -10.19 -3.32 14.39
N LEU A 35 -10.89 -2.87 13.35
CA LEU A 35 -11.74 -1.70 13.49
C LEU A 35 -12.91 -1.96 14.46
N GLU A 36 -13.53 -3.14 14.35
CA GLU A 36 -14.64 -3.47 15.26
C GLU A 36 -14.20 -3.43 16.71
N GLU A 37 -13.10 -4.13 17.03
CA GLU A 37 -12.61 -4.15 18.41
C GLU A 37 -12.11 -2.79 18.87
N PHE A 38 -11.76 -1.90 17.94
CA PHE A 38 -11.36 -0.55 18.31
C PHE A 38 -12.57 0.33 18.60
N THR A 39 -13.63 0.21 17.80
CA THR A 39 -14.85 0.97 18.04
C THR A 39 -15.69 0.39 19.17
N SER A 40 -15.29 -0.75 19.72
CA SER A 40 -16.00 -1.30 20.87
C SER A 40 -15.96 -0.35 22.06
N GLN A 41 -14.93 0.50 22.13
CA GLN A 41 -14.80 1.47 23.21
C GLN A 41 -15.92 2.49 23.19
N TYR A 42 -16.39 2.87 22.01
CA TYR A 42 -17.47 3.84 21.89
C TYR A 42 -18.85 3.23 22.19
N SER A 43 -18.99 1.92 22.04
CA SER A 43 -20.26 1.26 22.28
C SER A 43 -20.41 0.79 23.72
N ARG A 44 -19.51 1.19 24.62
CA ARG A 44 -19.63 0.81 26.03
C ARG A 44 -20.86 1.47 26.66
N ASP A 45 -21.06 2.76 26.40
CA ASP A 45 -22.24 3.50 26.82
C ASP A 45 -23.08 3.81 25.58
N GLN A 46 -24.27 3.21 25.52
CA GLN A 46 -25.17 3.29 24.35
C GLN A 46 -24.44 2.66 23.17
N LYS A 47 -24.21 3.39 22.08
CA LYS A 47 -23.52 2.80 20.93
C LYS A 47 -22.70 3.85 20.18
N GLU A 48 -22.88 5.13 20.55
CA GLU A 48 -22.26 6.26 19.89
C GLU A 48 -22.50 6.23 18.38
N PRO A 49 -23.73 6.45 17.92
CA PRO A 49 -24.01 6.45 16.47
C PRO A 49 -23.23 7.51 15.72
N PRO A 50 -22.79 8.62 16.36
CA PRO A 50 -21.87 9.46 15.57
C PRO A 50 -20.59 8.74 15.14
N GLN A 53 -19.11 11.60 14.18
CA GLN A 53 -18.02 12.49 14.59
C GLN A 53 -16.73 11.72 14.79
N TYR A 54 -16.74 10.44 14.45
CA TYR A 54 -15.58 9.57 14.61
C TYR A 54 -15.20 8.96 13.26
N LEU A 55 -13.89 8.93 12.99
CA LEU A 55 -13.42 8.39 11.71
C LEU A 55 -13.52 6.87 11.69
N SER A 56 -13.15 6.21 12.80
CA SER A 56 -13.18 4.75 12.85
C SER A 56 -14.61 4.22 12.68
N LEU A 57 -15.59 4.89 13.27
CA LEU A 57 -16.97 4.43 13.11
C LEU A 57 -17.44 4.58 11.68
N THR A 58 -17.06 5.69 11.04
CA THR A 58 -17.48 5.93 9.65
C THR A 58 -16.80 4.96 8.71
N LEU A 59 -15.53 4.66 8.96
CA LEU A 59 -14.81 3.75 8.08
C LEU A 59 -15.30 2.32 8.23
N LEU A 60 -15.58 1.89 9.47
CA LEU A 60 -15.97 0.51 9.72
C LEU A 60 -17.29 0.18 9.03
N HIS A 61 -18.29 1.06 9.18
CA HIS A 61 -19.57 0.72 8.57
C HIS A 61 -19.50 0.77 7.05
N LEU A 62 -18.56 1.54 6.49
CA LEU A 62 -18.35 1.46 5.05
C LEU A 62 -17.71 0.13 4.67
N LEU A 63 -16.65 -0.27 5.38
CA LEU A 63 -15.98 -1.53 5.06
C LEU A 63 -16.87 -2.72 5.39
N LYS A 64 -17.71 -2.62 6.42
CA LYS A 64 -18.60 -3.74 6.74
C LYS A 64 -19.68 -3.92 5.68
N ALA A 65 -20.15 -2.82 5.07
CA ALA A 65 -21.12 -2.94 3.99
C ALA A 65 -20.46 -3.38 2.69
N LEU A 66 -19.22 -2.97 2.45
CA LEU A 66 -18.54 -3.38 1.22
C LEU A 66 -18.08 -4.82 1.27
N SER A 67 -17.78 -5.36 2.46
CA SER A 67 -17.43 -6.77 2.56
C SER A 67 -18.64 -7.66 2.77
N CYS A 68 -19.85 -7.12 2.61
CA CYS A 68 -21.09 -7.90 2.66
C CYS A 68 -21.29 -8.54 4.04
N GLN A 69 -20.84 -7.85 5.09
CA GLN A 69 -21.07 -8.28 6.45
C GLN A 69 -22.30 -7.62 7.08
N GLU A 70 -22.77 -6.51 6.53
CA GLU A 70 -24.00 -5.87 6.94
C GLU A 70 -24.94 -5.84 5.75
N VAL A 71 -26.22 -6.13 6.00
CA VAL A 71 -27.20 -6.24 4.93
C VAL A 71 -27.41 -4.87 4.30
N THR A 72 -27.20 -4.77 2.99
CA THR A 72 -27.35 -3.52 2.25
C THR A 72 -28.36 -3.71 1.12
N ASP A 73 -29.42 -2.91 1.14
CA ASP A 73 -30.43 -2.98 0.09
C ASP A 73 -30.15 -2.02 -1.05
N ASP A 74 -29.45 -0.92 -0.80
CA ASP A 74 -29.00 -0.06 -1.87
C ASP A 74 -27.85 -0.74 -2.62
N GLU A 75 -28.03 -0.96 -3.92
CA GLU A 75 -26.99 -1.62 -4.70
C GLU A 75 -25.73 -0.77 -4.84
N VAL A 76 -25.76 0.48 -4.41
CA VAL A 76 -24.59 1.35 -4.43
C VAL A 76 -24.53 2.12 -3.11
N LEU A 77 -23.33 2.23 -2.54
CA LEU A 77 -23.09 2.97 -1.32
C LEU A 77 -22.44 4.32 -1.63
N ASP A 78 -22.58 5.24 -0.68
CA ASP A 78 -22.04 6.59 -0.77
C ASP A 78 -21.10 6.81 0.40
N ALA A 79 -19.83 7.07 0.09
CA ALA A 79 -18.79 7.18 1.09
C ALA A 79 -18.45 8.63 1.41
N SER A 80 -19.28 9.57 0.96
CA SER A 80 -18.96 10.98 1.15
C SER A 80 -18.81 11.37 2.61
N CYS A 81 -19.48 10.68 3.54
CA CYS A 81 -19.32 11.02 4.94
C CYS A 81 -17.87 10.81 5.39
N LEU A 82 -17.17 9.81 4.83
CA LEU A 82 -15.77 9.59 5.17
C LEU A 82 -14.90 10.77 4.74
N LEU A 83 -15.23 11.38 3.62
CA LEU A 83 -14.42 12.49 3.12
C LEU A 83 -14.63 13.74 3.96
N ASP A 84 -15.85 13.96 4.45
CA ASP A 84 -16.13 15.15 5.23
C ASP A 84 -15.45 15.10 6.60
N VAL A 85 -15.43 13.93 7.25
CA VAL A 85 -14.74 13.79 8.53
C VAL A 85 -13.23 13.95 8.37
N LEU A 86 -12.67 13.54 7.24
CA LEU A 86 -11.24 13.71 7.00
C LEU A 86 -10.90 15.18 6.82
N ARG A 87 -11.74 15.92 6.10
CA ARG A 87 -11.47 17.33 5.86
C ARG A 87 -11.61 18.16 7.14
N MET A 88 -12.44 17.71 8.08
CA MET A 88 -12.61 18.45 9.33
C MET A 88 -11.42 18.29 10.28
N TYR A 89 -10.63 17.24 10.13
CA TYR A 89 -9.44 17.06 10.96
C TYR A 89 -8.24 17.81 10.34
N ASP A 100 -4.53 10.68 -5.06
CA ASP A 100 -3.63 9.54 -4.87
C ASP A 100 -4.13 8.56 -3.81
N ALA A 101 -4.40 7.31 -4.20
CA ALA A 101 -4.96 6.36 -3.23
C ALA A 101 -3.93 5.90 -2.21
N HIS A 102 -2.64 6.06 -2.49
CA HIS A 102 -1.65 5.66 -1.50
C HIS A 102 -1.58 6.64 -0.35
N GLU A 103 -1.54 7.94 -0.65
CA GLU A 103 -1.44 8.92 0.43
C GLU A 103 -2.69 8.94 1.29
N LEU A 104 -3.85 8.74 0.67
CA LEU A 104 -5.08 8.57 1.44
C LEU A 104 -4.97 7.39 2.41
N PHE A 105 -4.33 6.30 1.97
CA PHE A 105 -4.10 5.17 2.87
C PHE A 105 -3.26 5.60 4.06
N HIS A 106 -2.20 6.38 3.81
CA HIS A 106 -1.37 6.84 4.92
C HIS A 106 -2.08 7.88 5.76
N VAL A 107 -3.01 8.63 5.17
CA VAL A 107 -3.81 9.58 5.93
C VAL A 107 -4.77 8.84 6.86
N ILE A 108 -5.46 7.82 6.34
CA ILE A 108 -6.41 7.05 7.13
C ILE A 108 -5.69 6.34 8.28
N THR A 109 -4.57 5.66 7.98
CA THR A 109 -3.88 4.92 9.03
C THR A 109 -3.34 5.85 10.11
N SER A 110 -2.84 7.03 9.72
CA SER A 110 -2.33 7.98 10.70
C SER A 110 -3.45 8.53 11.58
N SER A 111 -4.58 8.91 10.97
CA SER A 111 -5.70 9.45 11.74
C SER A 111 -6.28 8.42 12.69
N LEU A 112 -6.34 7.16 12.28
CA LEU A 112 -6.75 6.10 13.19
C LEU A 112 -5.76 5.93 14.33
N GLU A 113 -4.45 6.12 14.06
CA GLU A 113 -3.50 6.01 15.15
C GLU A 113 -3.65 7.17 16.12
N ASP A 114 -3.94 8.37 15.60
CA ASP A 114 -4.18 9.53 16.46
C ASP A 114 -5.42 9.37 17.32
N GLU A 115 -6.46 8.73 16.78
CA GLU A 115 -7.64 8.41 17.58
C GLU A 115 -7.32 7.38 18.65
N ARG A 116 -6.44 6.43 18.35
CA ARG A 116 -6.05 5.43 19.33
C ARG A 116 -5.06 5.97 20.35
N ASP A 117 -4.34 7.03 20.01
CA ASP A 117 -3.44 7.66 20.97
C ASP A 117 -4.25 8.47 21.97
N LYS A 124 -4.42 1.46 22.60
CA LYS A 124 -4.84 0.10 22.29
C LYS A 124 -3.89 -0.63 21.32
N SER A 125 -4.40 -1.65 20.64
CA SER A 125 -3.59 -2.49 19.77
C SER A 125 -3.31 -1.80 18.44
N GLN A 126 -2.18 -2.16 17.83
CA GLN A 126 -1.79 -1.60 16.54
C GLN A 126 -2.60 -2.19 15.41
N HIS A 127 -2.86 -1.39 14.38
CA HIS A 127 -3.64 -1.89 13.26
C HIS A 127 -2.82 -2.94 12.49
N PRO A 128 -3.48 -3.91 11.87
CA PRO A 128 -2.75 -4.99 11.20
C PRO A 128 -1.83 -4.52 10.08
N PHE A 129 -1.88 -3.26 9.63
CA PHE A 129 -0.91 -2.85 8.62
C PHE A 129 0.42 -2.41 9.23
N HIS A 130 0.48 -2.23 10.55
CA HIS A 130 1.67 -1.69 11.19
C HIS A 130 2.80 -2.71 11.22
N GLY A 131 3.94 -2.33 10.65
CA GLY A 131 5.12 -3.16 10.71
C GLY A 131 6.31 -2.42 11.30
N ARG A 132 7.35 -3.19 11.61
CA ARG A 132 8.62 -2.69 12.10
C ARG A 132 9.71 -2.88 11.05
N LEU A 133 10.71 -1.99 11.10
CA LEU A 133 11.75 -1.94 10.08
C LEU A 133 13.06 -1.52 10.72
N THR A 134 14.13 -2.21 10.32
CA THR A 134 15.49 -1.89 10.73
C THR A 134 16.29 -1.56 9.48
N SER A 135 16.97 -0.42 9.51
CA SER A 135 17.59 0.12 8.30
C SER A 135 19.03 0.50 8.57
N ASN A 136 19.84 0.41 7.53
CA ASN A 136 21.27 0.69 7.63
C ASN A 136 21.74 1.17 6.26
N MET A 137 22.67 2.11 6.25
CA MET A 137 23.23 2.62 5.01
C MET A 137 24.70 2.24 4.89
N VAL A 138 25.07 1.71 3.73
CA VAL A 138 26.43 1.23 3.49
C VAL A 138 26.99 1.94 2.26
N CYS A 139 28.23 2.42 2.37
CA CYS A 139 28.91 3.06 1.25
C CYS A 139 29.37 2.04 0.23
N LYS A 140 29.12 2.33 -1.05
CA LYS A 140 29.48 1.38 -2.10
C LYS A 140 30.95 1.43 -2.51
N HIS A 141 31.75 2.31 -1.91
CA HIS A 141 33.16 2.40 -2.24
C HIS A 141 34.08 1.97 -1.11
N CYS A 142 33.58 1.85 0.12
CA CYS A 142 34.40 1.37 1.22
C CYS A 142 33.64 0.51 2.22
N GLU A 143 32.34 0.30 2.03
CA GLU A 143 31.52 -0.57 2.89
C GLU A 143 31.46 -0.06 4.33
N HIS A 144 31.54 1.25 4.52
CA HIS A 144 31.28 1.85 5.82
C HIS A 144 29.78 1.84 6.09
N GLN A 145 29.40 1.35 7.25
CA GLN A 145 27.99 1.21 7.60
C GLN A 145 27.55 2.37 8.49
N SER A 146 26.41 2.96 8.15
CA SER A 146 25.85 4.05 8.93
C SER A 146 25.29 3.51 10.24
N PRO A 147 24.94 4.39 11.18
CA PRO A 147 24.28 3.92 12.40
C PRO A 147 22.93 3.31 12.06
N VAL A 148 22.56 2.28 12.82
CA VAL A 148 21.32 1.56 12.55
C VAL A 148 20.14 2.36 13.06
N ARG A 149 19.09 2.48 12.23
CA ARG A 149 17.90 3.22 12.59
C ARG A 149 16.70 2.28 12.63
N PHE A 150 15.76 2.59 13.50
CA PHE A 150 14.56 1.78 13.71
C PHE A 150 13.34 2.56 13.23
N ASP A 151 12.54 1.94 12.37
CA ASP A 151 11.42 2.62 11.75
C ASP A 151 10.18 1.75 11.82
N THR A 152 9.05 2.36 11.48
CA THR A 152 7.79 1.67 11.34
C THR A 152 7.26 1.93 9.93
N PHE A 153 6.52 0.97 9.41
CA PHE A 153 5.88 1.15 8.11
C PHE A 153 4.45 0.66 8.20
N ASP A 154 3.58 1.34 7.44
CA ASP A 154 2.24 0.85 7.19
C ASP A 154 2.10 0.27 5.79
N SER A 155 3.07 0.55 4.92
CA SER A 155 3.12 -0.03 3.59
C SER A 155 4.56 -0.01 3.13
N LEU A 156 4.89 -0.93 2.23
CA LEU A 156 6.23 -1.03 1.65
C LEU A 156 6.20 -0.40 0.27
N SER A 157 6.66 0.83 0.17
CA SER A 157 6.73 1.51 -1.12
C SER A 157 8.01 1.11 -1.84
N LEU A 158 7.88 0.47 -3.00
CA LEU A 158 9.01 -0.08 -3.74
C LEU A 158 9.24 0.71 -5.02
N SER A 159 10.51 0.86 -5.40
CA SER A 159 10.86 1.42 -6.69
C SER A 159 10.69 0.37 -7.76
N ILE A 160 10.54 0.84 -9.00
CA ILE A 160 10.46 -0.06 -10.14
C ILE A 160 11.76 0.09 -10.94
N PRO A 161 12.60 -0.95 -11.02
CA PRO A 161 13.85 -0.84 -11.78
C PRO A 161 13.62 -0.66 -13.29
N ALA A 162 14.72 -0.50 -14.02
CA ALA A 162 14.65 -0.29 -15.46
C ALA A 162 14.26 -1.57 -16.19
N ALA A 163 13.45 -1.41 -17.23
CA ALA A 163 12.96 -2.52 -18.04
C ALA A 163 13.99 -2.87 -19.13
N THR A 164 13.77 -4.02 -19.75
CA THR A 164 14.62 -4.49 -20.83
C THR A 164 13.82 -5.42 -21.73
N TRP A 165 14.13 -5.39 -23.02
CA TRP A 165 13.44 -6.27 -23.97
C TRP A 165 13.81 -7.72 -23.69
N GLY A 166 12.79 -8.55 -23.45
CA GLY A 166 13.03 -9.94 -23.10
C GLY A 166 13.36 -10.18 -21.64
N HIS A 167 13.42 -9.13 -20.83
CA HIS A 167 13.66 -9.24 -19.39
C HIS A 167 12.44 -8.70 -18.67
N PRO A 168 11.59 -9.57 -18.12
CA PRO A 168 10.34 -9.10 -17.50
C PRO A 168 10.58 -8.57 -16.09
N LEU A 169 9.80 -7.54 -15.74
CA LEU A 169 9.83 -6.96 -14.41
C LEU A 169 8.94 -7.76 -13.47
N THR A 170 9.51 -8.26 -12.38
CA THR A 170 8.77 -9.03 -11.39
C THR A 170 8.71 -8.29 -10.06
N LEU A 171 7.75 -8.68 -9.22
CA LEU A 171 7.64 -8.07 -7.90
C LEU A 171 8.80 -8.47 -7.01
N ASP A 172 9.32 -9.69 -7.19
CA ASP A 172 10.48 -10.11 -6.40
C ASP A 172 11.68 -9.23 -6.70
N HIS A 173 11.94 -8.97 -7.99
CA HIS A 173 13.03 -8.07 -8.36
C HIS A 173 12.87 -6.73 -7.66
N CYS A 174 11.64 -6.22 -7.56
CA CYS A 174 11.42 -4.95 -6.89
C CYS A 174 11.66 -5.07 -5.39
N LEU A 175 11.36 -6.24 -4.83
CA LEU A 175 11.54 -6.47 -3.39
C LEU A 175 13.01 -6.63 -3.03
N HIS A 176 13.79 -7.31 -3.89
CA HIS A 176 15.22 -7.40 -3.65
C HIS A 176 15.88 -6.04 -3.80
N HIS A 177 15.48 -5.25 -4.79
CA HIS A 177 16.03 -3.91 -4.94
C HIS A 177 15.66 -3.04 -3.75
N PHE A 178 14.46 -3.21 -3.21
CA PHE A 178 14.04 -2.42 -2.06
C PHE A 178 14.85 -2.78 -0.82
N ILE A 179 15.24 -4.05 -0.69
CA ILE A 179 15.89 -4.54 0.53
C ILE A 179 17.37 -4.23 0.56
N SER A 180 18.10 -4.53 -0.51
CA SER A 180 19.56 -4.39 -0.46
C SER A 180 20.12 -3.67 -1.69
N SER A 181 19.29 -2.99 -2.48
CA SER A 181 19.83 -2.29 -3.64
C SER A 181 19.25 -0.90 -3.82
N GLU A 182 18.49 -0.39 -2.84
CA GLU A 182 17.95 0.96 -2.94
C GLU A 182 19.07 1.97 -2.79
N SER A 183 19.19 2.87 -3.77
CA SER A 183 20.23 3.90 -3.75
C SER A 183 19.71 5.20 -3.16
N VAL A 184 20.55 5.85 -2.37
CA VAL A 184 20.24 7.14 -1.75
C VAL A 184 21.48 8.01 -1.82
N ARG A 185 21.35 9.23 -2.33
CA ARG A 185 22.48 10.17 -2.36
C ARG A 185 22.17 11.42 -1.56
N ASP A 186 21.25 11.33 -0.61
CA ASP A 186 21.08 12.41 0.35
C ASP A 186 22.12 12.37 1.47
N VAL A 187 23.17 11.56 1.31
CA VAL A 187 24.18 11.36 2.35
C VAL A 187 25.56 11.26 1.72
N VAL A 188 26.57 11.44 2.56
CA VAL A 188 27.96 11.38 2.14
C VAL A 188 28.74 10.55 3.15
N CYS A 189 29.74 9.81 2.67
CA CYS A 189 30.51 8.91 3.50
C CYS A 189 31.56 9.67 4.30
N ASP A 190 31.64 9.41 5.60
CA ASP A 190 32.64 10.08 6.41
C ASP A 190 34.03 9.51 6.15
N ASN A 191 34.12 8.21 5.91
CA ASN A 191 35.42 7.59 5.70
C ASN A 191 36.06 8.05 4.39
N CYS A 192 35.30 8.04 3.30
CA CYS A 192 35.82 8.52 2.02
C CYS A 192 36.15 10.01 2.06
N THR A 193 35.48 10.79 2.91
CA THR A 193 35.73 12.22 2.99
C THR A 193 37.00 12.53 3.79
N LYS A 194 37.20 11.87 4.93
CA LYS A 194 38.45 12.04 5.66
C LYS A 194 39.65 11.62 4.83
N ILE A 195 39.51 10.55 4.04
CA ILE A 195 40.62 10.06 3.25
C ILE A 195 40.95 11.03 2.12
N GLU A 196 39.93 11.51 1.41
CA GLU A 196 40.12 12.45 0.32
C GLU A 196 40.72 13.77 0.79
N ALA A 197 40.58 14.13 2.06
CA ALA A 197 41.21 15.33 2.59
C ALA A 197 42.65 15.07 3.03
N LYS A 198 43.27 14.02 2.51
CA LYS A 198 44.63 13.65 2.85
C LYS A 198 44.76 13.59 4.35
N GLY A 203 48.05 16.67 1.15
CA GLY A 203 49.45 16.58 0.80
C GLY A 203 49.77 15.70 -0.39
N GLU A 204 48.74 15.20 -1.06
CA GLU A 204 48.92 14.29 -2.18
C GLU A 204 47.98 14.65 -3.34
N LYS A 205 47.53 13.65 -4.08
CA LYS A 205 46.58 13.84 -5.18
C LYS A 205 45.50 12.78 -5.06
N VAL A 206 44.30 13.21 -4.66
CA VAL A 206 43.17 12.31 -4.45
C VAL A 206 42.02 12.76 -5.35
N GLU A 207 41.43 11.82 -6.07
CA GLU A 207 40.30 12.09 -6.94
C GLU A 207 39.00 11.79 -6.20
N HIS A 208 38.01 12.67 -6.36
CA HIS A 208 36.73 12.51 -5.69
C HIS A 208 35.91 11.43 -6.39
N GLN A 209 35.59 10.37 -5.66
CA GLN A 209 34.74 9.31 -6.18
C GLN A 209 33.27 9.67 -5.98
N ARG A 210 32.44 9.24 -6.93
CA ARG A 210 31.02 9.57 -6.87
C ARG A 210 30.40 8.95 -5.63
N THR A 211 29.74 9.79 -4.83
CA THR A 211 29.09 9.38 -3.59
C THR A 211 27.90 8.48 -3.92
N THR A 212 28.07 7.18 -3.69
CA THR A 212 27.05 6.17 -3.98
C THR A 212 26.77 5.41 -2.68
N PHE A 213 25.53 5.49 -2.21
CA PHE A 213 25.13 4.83 -0.97
C PHE A 213 23.95 3.92 -1.26
N VAL A 214 23.95 2.75 -0.63
CA VAL A 214 22.85 1.80 -0.75
C VAL A 214 22.23 1.61 0.64
N LYS A 215 20.91 1.58 0.70
CA LYS A 215 20.20 1.49 1.97
C LYS A 215 19.77 0.03 2.15
N GLN A 216 20.54 -0.70 2.96
CA GLN A 216 20.24 -2.10 3.23
C GLN A 216 19.18 -2.19 4.32
N LEU A 217 18.07 -2.85 4.02
CA LEU A 217 16.91 -2.95 4.90
C LEU A 217 16.77 -4.38 5.39
N LYS A 218 16.17 -4.52 6.57
CA LYS A 218 15.80 -5.84 7.07
C LYS A 218 14.51 -5.68 7.85
N LEU A 219 13.46 -6.37 7.40
CA LEU A 219 12.17 -6.27 8.04
C LEU A 219 12.14 -7.09 9.33
N GLY A 220 11.64 -6.48 10.40
CA GLY A 220 11.54 -7.15 11.68
C GLY A 220 10.23 -7.89 11.86
N LYS A 221 9.18 -7.17 12.26
CA LYS A 221 7.85 -7.75 12.42
C LYS A 221 7.08 -7.60 11.12
N LEU A 222 6.61 -8.72 10.57
CA LEU A 222 5.80 -8.67 9.36
C LEU A 222 4.34 -8.46 9.73
N PRO A 223 3.68 -7.44 9.19
CA PRO A 223 2.28 -7.19 9.55
C PRO A 223 1.36 -8.24 8.97
N GLN A 224 0.20 -8.37 9.58
CA GLN A 224 -0.67 -9.41 9.09
C GLN A 224 -1.49 -8.92 7.89
N CYS A 225 -1.60 -7.61 7.70
CA CYS A 225 -2.12 -7.05 6.46
C CYS A 225 -0.99 -6.31 5.77
N LEU A 226 -0.58 -6.79 4.61
CA LEU A 226 0.57 -6.21 3.92
C LEU A 226 0.11 -5.34 2.77
N CYS A 227 0.59 -4.09 2.75
CA CYS A 227 0.36 -3.21 1.61
C CYS A 227 1.68 -2.93 0.91
N ILE A 228 1.72 -3.25 -0.38
CA ILE A 228 2.88 -3.03 -1.22
C ILE A 228 2.53 -1.95 -2.24
N HIS A 229 3.34 -0.90 -2.30
CA HIS A 229 3.10 0.22 -3.19
C HIS A 229 4.20 0.27 -4.24
N LEU A 230 3.81 0.30 -5.51
CA LEU A 230 4.76 0.42 -6.61
C LEU A 230 4.82 1.90 -7.02
N GLN A 231 6.00 2.48 -6.92
CA GLN A 231 6.18 3.90 -7.23
C GLN A 231 6.09 4.12 -8.73
N ARG A 232 4.90 4.50 -9.20
CA ARG A 232 4.69 4.78 -10.62
C ARG A 232 4.74 6.27 -10.94
N LEU A 233 4.91 7.12 -9.94
CA LEU A 233 4.95 8.56 -10.12
C LEU A 233 6.39 9.04 -10.13
N SER A 234 6.83 9.61 -11.25
CA SER A 234 8.16 10.15 -11.48
C SER A 234 8.05 11.64 -11.79
N TRP A 235 9.19 12.35 -11.78
CA TRP A 235 9.21 13.80 -12.02
C TRP A 235 10.29 14.13 -13.04
N SER A 236 9.92 14.89 -14.08
CA SER A 236 10.87 15.28 -15.10
C SER A 236 11.78 16.39 -14.59
N SER A 237 12.73 16.80 -15.43
CA SER A 237 13.68 17.85 -15.07
C SER A 237 13.02 19.21 -14.91
N HIS A 238 11.81 19.38 -15.44
CA HIS A 238 11.08 20.64 -15.37
C HIS A 238 9.89 20.58 -14.43
N GLY A 239 9.84 19.55 -13.59
CA GLY A 239 8.81 19.42 -12.58
C GLY A 239 7.50 18.84 -13.04
N THR A 240 7.45 18.28 -14.24
CA THR A 240 6.18 17.72 -14.69
C THR A 240 6.08 16.26 -14.25
N PRO A 241 4.91 15.82 -13.78
CA PRO A 241 4.78 14.44 -13.29
C PRO A 241 4.67 13.45 -14.44
N LEU A 242 5.39 12.33 -14.28
CA LEU A 242 5.42 11.26 -15.27
C LEU A 242 4.94 9.96 -14.65
N LYS A 243 4.29 9.13 -15.47
CA LYS A 243 3.76 7.84 -15.03
C LYS A 243 4.47 6.69 -15.72
N ARG A 244 4.91 5.71 -14.93
CA ARG A 244 5.48 4.48 -15.46
C ARG A 244 4.36 3.46 -15.59
N HIS A 245 4.08 3.03 -16.81
CA HIS A 245 3.02 2.07 -17.11
C HIS A 245 3.55 0.63 -17.21
N GLU A 246 4.83 0.41 -16.94
CA GLU A 246 5.41 -0.92 -17.08
C GLU A 246 4.67 -1.93 -16.20
N HIS A 247 4.50 -3.13 -16.74
CA HIS A 247 3.86 -4.22 -16.01
C HIS A 247 4.84 -4.84 -15.02
N VAL A 248 4.37 -5.10 -13.81
CA VAL A 248 5.15 -5.81 -12.81
C VAL A 248 4.45 -7.15 -12.54
N GLN A 249 5.18 -8.25 -12.76
CA GLN A 249 4.61 -9.57 -12.50
C GLN A 249 4.46 -9.79 -11.00
N PHE A 250 3.28 -10.29 -10.60
CA PHE A 250 3.02 -10.67 -9.22
C PHE A 250 2.10 -11.89 -9.22
N ASN A 251 2.02 -12.56 -8.08
CA ASN A 251 1.18 -13.75 -7.94
C ASN A 251 0.20 -13.57 -6.79
N GLU A 252 -0.79 -14.46 -6.72
CA GLU A 252 -1.74 -14.41 -5.62
C GLU A 252 -1.12 -14.85 -4.31
N ASP A 253 0.02 -15.53 -4.34
CA ASP A 253 0.72 -15.97 -3.14
C ASP A 253 2.10 -15.36 -3.14
N LEU A 254 2.51 -14.77 -2.02
CA LEU A 254 3.78 -14.08 -1.93
C LEU A 254 4.47 -14.51 -0.64
N SER A 255 5.68 -15.06 -0.76
CA SER A 255 6.45 -15.47 0.40
C SER A 255 7.43 -14.35 0.74
N MET A 256 7.55 -14.06 2.04
CA MET A 256 8.47 -13.04 2.51
C MET A 256 9.60 -13.63 3.35
N ASP A 257 9.90 -14.92 3.12
CA ASP A 257 10.92 -15.61 3.91
C ASP A 257 12.33 -15.19 3.52
N GLU A 258 12.57 -14.86 2.26
CA GLU A 258 13.86 -14.41 1.79
C GLU A 258 14.21 -12.99 2.23
N TYR A 259 13.29 -12.27 2.87
CA TYR A 259 13.51 -10.91 3.30
C TYR A 259 13.46 -10.74 4.81
N LYS A 260 13.32 -11.83 5.56
CA LYS A 260 13.28 -11.77 7.02
C LYS A 260 14.68 -11.84 7.61
N LEU A 269 4.35 -16.22 4.31
CA LEU A 269 3.36 -16.50 3.27
C LEU A 269 2.10 -15.61 3.32
N PHE A 270 1.92 -14.84 2.25
CA PHE A 270 0.83 -13.86 2.14
C PHE A 270 -0.03 -14.17 0.93
N ARG A 271 -1.34 -14.00 1.09
CA ARG A 271 -2.34 -14.21 0.06
C ARG A 271 -2.83 -12.86 -0.46
N LEU A 272 -2.85 -12.70 -1.79
CA LEU A 272 -3.37 -11.48 -2.39
C LEU A 272 -4.88 -11.40 -2.20
N MET A 273 -5.35 -10.28 -1.65
CA MET A 273 -6.76 -10.04 -1.42
C MET A 273 -7.37 -9.01 -2.36
N ALA A 274 -6.64 -7.93 -2.65
CA ALA A 274 -7.13 -6.94 -3.60
C ALA A 274 -5.95 -6.24 -4.25
N VAL A 275 -6.23 -5.56 -5.36
CA VAL A 275 -5.23 -4.84 -6.15
C VAL A 275 -5.85 -3.53 -6.63
N VAL A 276 -5.23 -2.41 -6.29
CA VAL A 276 -5.64 -1.11 -6.80
C VAL A 276 -4.84 -0.84 -8.08
N VAL A 277 -5.56 -0.56 -9.16
CA VAL A 277 -4.97 -0.32 -10.47
C VAL A 277 -5.31 1.10 -10.90
N HIS A 278 -4.32 1.82 -11.43
CA HIS A 278 -4.52 3.16 -11.97
C HIS A 278 -4.35 3.13 -13.48
N HIS A 279 -5.38 3.59 -14.19
CA HIS A 279 -5.37 3.68 -15.64
C HIS A 279 -5.16 5.13 -16.07
N GLY A 280 -4.89 5.32 -17.36
CA GLY A 280 -4.72 6.66 -17.89
C GLY A 280 -3.42 7.31 -17.44
N ASP A 281 -3.39 8.64 -17.54
CA ASP A 281 -2.22 9.41 -17.16
C ASP A 281 -2.44 10.05 -15.80
N MET A 282 -1.51 10.89 -15.38
CA MET A 282 -1.61 11.55 -14.08
C MET A 282 -2.67 12.63 -14.05
N HIS A 283 -3.12 13.12 -15.21
CA HIS A 283 -4.05 14.25 -15.26
C HIS A 283 -5.50 13.82 -15.46
N SER A 284 -5.76 12.92 -16.40
CA SER A 284 -7.12 12.48 -16.71
C SER A 284 -7.26 10.97 -16.55
N GLY A 285 -6.61 10.42 -15.53
CA GLY A 285 -6.65 9.00 -15.25
C GLY A 285 -7.91 8.56 -14.53
N HIS A 286 -7.82 7.40 -13.91
CA HIS A 286 -8.93 6.80 -13.17
C HIS A 286 -8.38 5.67 -12.30
N PHE A 287 -8.94 5.52 -11.11
CA PHE A 287 -8.57 4.45 -10.19
C PHE A 287 -9.61 3.34 -10.25
N VAL A 288 -9.15 2.09 -10.35
CA VAL A 288 -10.03 0.92 -10.24
C VAL A 288 -9.38 -0.10 -9.33
N THR A 289 -10.19 -1.04 -8.85
CA THR A 289 -9.74 -2.04 -7.89
C THR A 289 -10.22 -3.41 -8.32
N TYR A 290 -9.32 -4.38 -8.27
CA TYR A 290 -9.68 -5.79 -8.33
C TYR A 290 -9.72 -6.33 -6.90
N ARG A 291 -10.79 -7.09 -6.58
CA ARG A 291 -10.92 -7.61 -5.23
C ARG A 291 -11.60 -8.97 -5.25
N ARG A 292 -11.33 -9.74 -4.20
CA ARG A 292 -11.96 -11.05 -4.05
C ARG A 292 -13.40 -10.91 -3.61
N SER A 293 -14.20 -11.92 -3.95
CA SER A 293 -15.57 -11.95 -3.49
C SER A 293 -15.61 -12.21 -1.99
N PRO A 294 -16.61 -11.66 -1.30
CA PRO A 294 -16.73 -11.92 0.13
C PRO A 294 -17.03 -13.38 0.39
N PRO A 295 -16.47 -13.95 1.44
CA PRO A 295 -16.64 -15.37 1.72
C PRO A 295 -18.10 -15.73 2.02
N SER A 296 -18.42 -17.01 1.82
CA SER A 296 -19.76 -17.52 2.06
C SER A 296 -19.92 -18.05 3.50
N PRO A 300 -17.31 -18.76 5.88
CA PRO A 300 -16.58 -17.74 6.65
C PRO A 300 -15.11 -18.13 6.85
N LEU A 301 -14.23 -17.12 6.89
CA LEU A 301 -12.80 -17.29 7.12
C LEU A 301 -12.11 -18.01 5.95
N SER A 302 -12.89 -18.48 4.99
CA SER A 302 -12.34 -19.16 3.82
C SER A 302 -12.33 -18.17 2.65
N THR A 303 -11.14 -17.89 2.14
CA THR A 303 -11.00 -16.92 1.06
C THR A 303 -11.59 -17.47 -0.23
N SER A 304 -12.40 -16.66 -0.90
CA SER A 304 -13.02 -17.03 -2.16
C SER A 304 -12.03 -16.95 -3.32
N ASN A 305 -12.22 -17.83 -4.31
CA ASN A 305 -11.45 -17.81 -5.54
C ASN A 305 -12.05 -16.89 -6.61
N GLN A 306 -13.19 -16.27 -6.33
CA GLN A 306 -13.87 -15.43 -7.31
C GLN A 306 -13.41 -13.99 -7.15
N TRP A 307 -12.71 -13.48 -8.15
CA TRP A 307 -12.28 -12.09 -8.18
C TRP A 307 -13.38 -11.22 -8.80
N LEU A 308 -13.37 -9.94 -8.43
CA LEU A 308 -14.32 -8.96 -8.94
C LEU A 308 -13.57 -7.75 -9.48
N TRP A 309 -14.17 -7.10 -10.45
CA TRP A 309 -13.68 -5.83 -10.98
C TRP A 309 -14.66 -4.76 -10.55
N VAL A 310 -14.17 -3.74 -9.84
CA VAL A 310 -15.02 -2.68 -9.31
C VAL A 310 -14.50 -1.36 -9.82
N SER A 311 -15.28 -0.71 -10.68
CA SER A 311 -15.01 0.67 -11.12
C SER A 311 -16.12 1.56 -10.57
N ASP A 312 -15.91 2.05 -9.34
CA ASP A 312 -16.91 2.83 -8.61
C ASP A 312 -18.23 2.06 -8.47
N ASP A 313 -19.27 2.51 -9.17
CA ASP A 313 -20.58 1.89 -9.02
C ASP A 313 -20.72 0.62 -9.84
N THR A 314 -19.83 0.35 -10.78
CA THR A 314 -19.94 -0.81 -11.64
C THR A 314 -19.15 -1.96 -11.05
N VAL A 315 -19.83 -3.09 -10.81
CA VAL A 315 -19.23 -4.27 -10.23
C VAL A 315 -19.47 -5.43 -11.18
N ARG A 316 -18.39 -6.02 -11.70
CA ARG A 316 -18.48 -7.17 -12.58
C ARG A 316 -17.54 -8.26 -12.09
N LYS A 317 -17.82 -9.50 -12.49
CA LYS A 317 -16.97 -10.64 -12.16
C LYS A 317 -15.74 -10.68 -13.07
N ALA A 318 -14.66 -11.23 -12.53
CA ALA A 318 -13.38 -11.27 -13.24
C ALA A 318 -12.66 -12.58 -12.95
N SER A 319 -11.63 -12.85 -13.75
CA SER A 319 -10.82 -14.04 -13.58
C SER A 319 -9.46 -13.66 -13.04
N LEU A 320 -8.81 -14.64 -12.40
CA LEU A 320 -7.45 -14.42 -11.92
C LEU A 320 -6.51 -14.01 -13.05
N GLN A 321 -6.73 -14.52 -14.27
CA GLN A 321 -5.86 -14.10 -15.36
C GLN A 321 -5.95 -12.60 -15.62
N GLU A 322 -7.15 -12.02 -15.51
CA GLU A 322 -7.30 -10.58 -15.72
C GLU A 322 -6.60 -9.79 -14.63
N VAL A 323 -6.78 -10.20 -13.37
CA VAL A 323 -6.14 -9.53 -12.24
C VAL A 323 -4.62 -9.49 -12.43
N LEU A 324 -4.02 -10.63 -12.76
CA LEU A 324 -2.56 -10.72 -12.84
C LEU A 324 -1.99 -9.95 -14.03
N SER A 325 -2.77 -9.77 -15.10
CA SER A 325 -2.29 -9.08 -16.29
C SER A 325 -2.31 -7.56 -16.16
N SER A 326 -2.74 -7.03 -15.03
CA SER A 326 -2.88 -5.59 -14.86
C SER A 326 -1.64 -5.00 -14.21
N SER A 327 -1.40 -3.72 -14.45
CA SER A 327 -0.25 -3.05 -13.85
C SER A 327 -0.67 -2.55 -12.48
N ALA A 328 -0.28 -3.28 -11.46
CA ALA A 328 -0.70 -2.98 -10.09
C ALA A 328 -0.12 -1.66 -9.62
N TYR A 329 -0.92 -0.89 -8.89
CA TYR A 329 -0.43 0.25 -8.13
C TYR A 329 -0.31 -0.02 -6.64
N LEU A 330 -1.34 -0.60 -6.03
CA LEU A 330 -1.31 -1.01 -4.63
C LEU A 330 -1.68 -2.48 -4.55
N LEU A 331 -0.94 -3.24 -3.74
CA LEU A 331 -1.18 -4.66 -3.57
C LEU A 331 -1.46 -4.92 -2.09
N PHE A 332 -2.64 -5.46 -1.80
CA PHE A 332 -3.03 -5.77 -0.44
C PHE A 332 -2.97 -7.28 -0.24
N TYR A 333 -2.15 -7.71 0.70
CA TYR A 333 -1.98 -9.12 0.99
C TYR A 333 -2.44 -9.39 2.41
N GLU A 334 -2.61 -10.66 2.72
CA GLU A 334 -2.95 -11.06 4.07
C GLU A 334 -2.14 -12.29 4.41
N ARG A 335 -1.58 -12.31 5.62
CA ARG A 335 -0.79 -13.45 6.08
C ARG A 335 -1.68 -14.67 6.24
N VAL A 336 -1.32 -15.76 5.58
CA VAL A 336 -2.07 -17.01 5.67
C VAL A 336 -1.83 -17.66 7.02
C02 A1L7W B . -5.70 11.36 -11.55
C04 A1L7W B . -7.82 12.66 -12.29
C05 A1L7W B . -8.88 11.54 -12.50
C06 A1L7W B . -10.01 12.09 -12.91
C07 A1L7W B . -11.05 11.99 -11.61
C09 A1L7W B . -11.48 9.75 -10.40
C18 A1L7W B . -9.16 10.86 -11.06
C19 A1L7W B . -4.64 11.08 -10.53
C22 A1L7W B . -2.90 10.22 -9.53
C23 A1L7W B . -1.69 9.32 -9.21
C24 A1L7W B . -1.49 8.14 -9.91
C25 A1L7W B . -0.40 7.33 -9.61
C26 A1L7W B . -0.16 5.98 -10.39
C28 A1L7W B . 0.48 7.71 -8.64
C29 A1L7W B . 0.29 8.90 -7.94
C30 A1L7W B . -0.79 9.70 -8.24
N03 A1L7W B . -6.80 12.33 -11.24
N08 A1L7W B . -10.65 10.86 -11.00
N17 A1L7W B . -12.75 9.81 -10.38
N20 A1L7W B . -4.47 11.74 -9.40
N21 A1L7W B . -3.37 11.20 -8.76
N27 A1L7W B . 0.03 5.01 -10.95
O01 A1L7W B . -5.64 10.87 -12.61
O31 A1L7W B . -3.67 10.16 -10.61
ZN ZN C . 32.94 5.36 1.82
#